data_5FIN
#
_entry.id   5FIN
#
_cell.length_a   36.540
_cell.length_b   50.870
_cell.length_c   93.000
_cell.angle_alpha   90.00
_cell.angle_beta   90.00
_cell.angle_gamma   90.00
#
_symmetry.space_group_name_H-M   'P 21 21 21'
#
loop_
_entity.id
_entity.type
_entity.pdbx_description
1 polymer 'NI3C DARPIN MUTANT5 HG-SITE N1'
2 non-polymer 'MERCURY (II) ION'
3 water water
#
_entity_poly.entity_id   1
_entity_poly.type   'polypeptide(L)'
_entity_poly.pdbx_seq_one_letter_code
;MRGSHHHHHHGSDLGRKLLEAARAGQDDECRILMANGADVNAADNTGTTPLHLAAYSGHLEIVECLLKHGADVDASDVFG
YTPLHLAAYWGHLEIVEVLLKNGADVNAMDSDGMTPLHLAAKWGYLEIVEVLLKHGADVNAQDKFGKTPFDLAIDNGNED
IAEVLQKAAKLN
;
_entity_poly.pdbx_strand_id   A
#
loop_
_chem_comp.id
_chem_comp.type
_chem_comp.name
_chem_comp.formula
HG non-polymer 'MERCURY (II) ION' 'Hg 2'
#
# COMPACT_ATOMS: atom_id res chain seq x y z
N SER A 12 -3.85 -23.75 -5.49
CA SER A 12 -3.56 -24.85 -4.58
C SER A 12 -4.03 -24.54 -3.17
N ASP A 13 -3.90 -25.51 -2.27
CA ASP A 13 -4.32 -25.35 -0.88
C ASP A 13 -3.37 -24.42 -0.13
N LEU A 14 -2.07 -24.66 -0.28
CA LEU A 14 -1.07 -23.87 0.42
C LEU A 14 -1.25 -22.38 0.12
N GLY A 15 -1.45 -22.05 -1.15
CA GLY A 15 -1.67 -20.67 -1.54
C GLY A 15 -2.80 -20.04 -0.76
N ARG A 16 -3.93 -20.75 -0.71
CA ARG A 16 -5.09 -20.28 0.03
C ARG A 16 -4.80 -20.11 1.51
N LYS A 17 -4.24 -21.14 2.13
CA LYS A 17 -3.86 -21.08 3.54
C LYS A 17 -3.04 -19.83 3.82
N LEU A 18 -2.15 -19.50 2.89
CA LEU A 18 -1.26 -18.36 3.06
C LEU A 18 -2.04 -17.05 2.99
N LEU A 19 -2.94 -16.95 2.03
CA LEU A 19 -3.80 -15.78 1.90
C LEU A 19 -4.58 -15.56 3.19
N GLU A 20 -5.18 -16.63 3.69
CA GLU A 20 -6.01 -16.55 4.90
C GLU A 20 -5.16 -16.26 6.13
N ALA A 21 -3.96 -16.83 6.17
CA ALA A 21 -3.05 -16.62 7.29
C ALA A 21 -2.61 -15.16 7.33
N ALA A 22 -2.35 -14.59 6.16
CA ALA A 22 -1.97 -13.19 6.06
C ALA A 22 -3.14 -12.32 6.52
N ARG A 23 -4.32 -12.59 5.97
CA ARG A 23 -5.52 -11.84 6.30
C ARG A 23 -5.75 -11.78 7.80
N ALA A 24 -5.63 -12.92 8.46
CA ALA A 24 -5.98 -13.04 9.87
C ALA A 24 -4.83 -12.61 10.79
N GLY A 25 -3.69 -12.29 10.21
CA GLY A 25 -2.54 -11.86 11.00
C GLY A 25 -1.90 -12.99 11.78
N GLN A 26 -1.86 -14.18 11.18
CA GLN A 26 -1.25 -15.34 11.83
C GLN A 26 0.22 -15.47 11.42
N ASP A 27 1.08 -14.73 12.11
CA ASP A 27 2.51 -14.70 11.80
C ASP A 27 3.10 -16.10 11.73
N ASP A 28 3.04 -16.81 12.85
CA ASP A 28 3.64 -18.13 12.97
C ASP A 28 3.09 -19.10 11.92
N GLU A 29 1.78 -19.04 11.69
CA GLU A 29 1.15 -19.87 10.66
C GLU A 29 1.77 -19.56 9.31
N CYS A 30 1.84 -18.27 8.99
CA CYS A 30 2.42 -17.82 7.73
C CYS A 30 3.86 -18.31 7.60
N ARG A 31 4.62 -18.21 8.69
CA ARG A 31 5.99 -18.69 8.71
C ARG A 31 6.09 -20.14 8.23
N ILE A 32 5.27 -21.00 8.81
CA ILE A 32 5.29 -22.42 8.48
C ILE A 32 4.90 -22.65 7.01
N LEU A 33 3.88 -21.95 6.55
CA LEU A 33 3.41 -22.10 5.18
C LEU A 33 4.53 -21.77 4.19
N MET A 34 5.39 -20.83 4.57
CA MET A 34 6.56 -20.50 3.76
C MET A 34 7.52 -21.69 3.71
N ALA A 35 7.74 -22.31 4.87
CA ALA A 35 8.62 -23.46 4.95
C ALA A 35 8.09 -24.62 4.11
N ASN A 36 6.77 -24.77 4.08
CA ASN A 36 6.12 -25.85 3.34
C ASN A 36 6.03 -25.56 1.84
N GLY A 37 6.52 -24.40 1.42
CA GLY A 37 6.60 -24.08 0.01
C GLY A 37 5.35 -23.41 -0.54
N ALA A 38 4.64 -22.69 0.31
CA ALA A 38 3.44 -21.97 -0.12
C ALA A 38 3.81 -20.90 -1.15
N ASP A 39 3.04 -20.81 -2.22
CA ASP A 39 3.26 -19.79 -3.24
C ASP A 39 3.12 -18.40 -2.64
N VAL A 40 4.24 -17.73 -2.43
CA VAL A 40 4.24 -16.42 -1.77
C VAL A 40 3.50 -15.37 -2.61
N ASN A 41 3.37 -15.63 -3.90
CA ASN A 41 2.66 -14.73 -4.80
C ASN A 41 1.33 -15.29 -5.26
N ALA A 42 0.66 -16.04 -4.39
CA ALA A 42 -0.65 -16.58 -4.67
C ALA A 42 -1.66 -15.44 -4.82
N ALA A 43 -2.69 -15.64 -5.63
CA ALA A 43 -3.69 -14.61 -5.86
C ALA A 43 -5.10 -15.18 -5.77
N ASP A 44 -6.00 -14.44 -5.13
CA ASP A 44 -7.38 -14.87 -4.96
C ASP A 44 -8.23 -14.43 -6.16
N ASN A 45 -9.55 -14.56 -6.02
CA ASN A 45 -10.47 -14.23 -7.11
C ASN A 45 -10.30 -12.82 -7.66
N THR A 46 -9.90 -11.89 -6.80
CA THR A 46 -9.74 -10.50 -7.22
C THR A 46 -8.27 -10.09 -7.37
N GLY A 47 -7.39 -11.09 -7.49
CA GLY A 47 -5.99 -10.84 -7.76
C GLY A 47 -5.21 -10.28 -6.57
N THR A 48 -5.78 -10.40 -5.37
CA THR A 48 -5.10 -9.91 -4.17
C THR A 48 -4.16 -10.98 -3.63
N THR A 49 -2.92 -10.56 -3.34
CA THR A 49 -1.90 -11.49 -2.85
C THR A 49 -1.76 -11.36 -1.34
N PRO A 50 -1.00 -12.29 -0.72
CA PRO A 50 -0.79 -12.24 0.73
C PRO A 50 -0.24 -10.90 1.20
N LEU A 51 0.65 -10.29 0.42
CA LEU A 51 1.22 -9.01 0.78
C LEU A 51 0.16 -7.91 0.83
N HIS A 52 -0.77 -7.93 -0.13
CA HIS A 52 -1.89 -7.00 -0.12
C HIS A 52 -2.61 -7.08 1.22
N LEU A 53 -2.97 -8.31 1.59
CA LEU A 53 -3.78 -8.54 2.79
C LEU A 53 -3.04 -8.15 4.06
N ALA A 54 -1.74 -8.46 4.10
CA ALA A 54 -0.95 -8.10 5.28
C ALA A 54 -0.86 -6.59 5.40
N ALA A 55 -0.68 -5.92 4.27
CA ALA A 55 -0.64 -4.47 4.25
C ALA A 55 -2.02 -3.90 4.58
N TYR A 56 -3.05 -4.58 4.12
CA TYR A 56 -4.44 -4.16 4.33
C TYR A 56 -4.84 -4.26 5.79
N SER A 57 -4.38 -5.31 6.47
CA SER A 57 -4.74 -5.56 7.86
C SER A 57 -3.83 -4.82 8.83
N GLY A 58 -2.64 -4.45 8.38
CA GLY A 58 -1.70 -3.73 9.22
C GLY A 58 -0.78 -4.65 10.00
N HIS A 59 -0.51 -5.82 9.45
CA HIS A 59 0.39 -6.78 10.09
C HIS A 59 1.82 -6.58 9.61
N LEU A 60 2.58 -5.79 10.35
CA LEU A 60 3.92 -5.40 9.94
C LEU A 60 4.83 -6.62 9.76
N GLU A 61 4.93 -7.45 10.79
CA GLU A 61 5.84 -8.58 10.78
C GLU A 61 5.58 -9.49 9.58
N ILE A 62 4.31 -9.75 9.30
CA ILE A 62 3.95 -10.58 8.15
C ILE A 62 4.45 -9.92 6.87
N VAL A 63 4.21 -8.63 6.73
CA VAL A 63 4.70 -7.89 5.56
C VAL A 63 6.20 -8.10 5.40
N GLU A 64 6.94 -7.96 6.50
CA GLU A 64 8.39 -8.09 6.47
C GLU A 64 8.81 -9.51 6.08
N CYS A 65 8.08 -10.50 6.58
CA CYS A 65 8.38 -11.89 6.27
C CYS A 65 8.09 -12.21 4.81
N LEU A 66 6.95 -11.75 4.32
CA LEU A 66 6.55 -12.00 2.93
C LEU A 66 7.58 -11.43 1.98
N LEU A 67 8.02 -10.20 2.25
CA LEU A 67 9.04 -9.55 1.42
C LEU A 67 10.34 -10.34 1.47
N LYS A 68 10.69 -10.83 2.65
CA LYS A 68 11.89 -11.64 2.83
C LYS A 68 11.88 -12.82 1.86
N HIS A 69 10.71 -13.39 1.64
CA HIS A 69 10.57 -14.57 0.78
C HIS A 69 10.24 -14.22 -0.67
N GLY A 70 10.55 -12.97 -1.06
CA GLY A 70 10.43 -12.58 -2.46
C GLY A 70 9.03 -12.23 -2.92
N ALA A 71 8.19 -11.77 -2.00
CA ALA A 71 6.85 -11.33 -2.38
C ALA A 71 6.96 -10.12 -3.30
N ASP A 72 6.20 -10.13 -4.39
CA ASP A 72 6.20 -9.04 -5.34
C ASP A 72 5.64 -7.77 -4.70
N VAL A 73 6.50 -6.79 -4.48
CA VAL A 73 6.12 -5.57 -3.76
C VAL A 73 5.18 -4.68 -4.57
N ASP A 74 5.17 -4.85 -5.89
CA ASP A 74 4.34 -4.02 -6.76
C ASP A 74 3.31 -4.84 -7.53
N ALA A 75 2.70 -5.83 -6.86
CA ALA A 75 1.65 -6.63 -7.45
C ALA A 75 0.35 -5.84 -7.47
N SER A 76 -0.45 -5.99 -8.52
CA SER A 76 -1.68 -5.22 -8.68
C SER A 76 -2.90 -6.13 -8.73
N ASP A 77 -3.95 -5.76 -8.01
CA ASP A 77 -5.21 -6.49 -8.08
C ASP A 77 -6.07 -5.94 -9.22
N VAL A 78 -7.31 -6.41 -9.32
CA VAL A 78 -8.18 -6.02 -10.43
C VAL A 78 -8.55 -4.54 -10.37
N PHE A 79 -8.37 -3.91 -9.21
CA PHE A 79 -8.67 -2.49 -9.04
C PHE A 79 -7.43 -1.62 -9.24
N GLY A 80 -6.33 -2.24 -9.63
CA GLY A 80 -5.07 -1.51 -9.81
C GLY A 80 -4.37 -1.23 -8.49
N TYR A 81 -4.93 -1.73 -7.39
CA TYR A 81 -4.37 -1.49 -6.06
C TYR A 81 -3.11 -2.32 -5.81
N THR A 82 -2.09 -1.67 -5.28
CA THR A 82 -0.87 -2.34 -4.86
C THR A 82 -0.82 -2.32 -3.34
N PRO A 83 0.11 -3.09 -2.74
CA PRO A 83 0.21 -3.09 -1.28
C PRO A 83 0.38 -1.69 -0.70
N LEU A 84 1.14 -0.85 -1.39
CA LEU A 84 1.36 0.52 -0.94
C LEU A 84 0.05 1.31 -0.89
N HIS A 85 -0.79 1.13 -1.89
CA HIS A 85 -2.10 1.80 -1.92
C HIS A 85 -2.87 1.46 -0.66
N LEU A 86 -2.92 0.17 -0.35
CA LEU A 86 -3.65 -0.31 0.82
C LEU A 86 -3.05 0.24 2.10
N ALA A 87 -1.73 0.32 2.15
CA ALA A 87 -1.04 0.83 3.33
C ALA A 87 -1.40 2.29 3.58
N ALA A 88 -1.28 3.10 2.53
CA ALA A 88 -1.64 4.51 2.62
C ALA A 88 -3.13 4.64 2.93
N TYR A 89 -3.93 3.79 2.32
CA TYR A 89 -5.38 3.85 2.46
C TYR A 89 -5.82 3.79 3.93
N TRP A 90 -5.20 2.90 4.71
CA TRP A 90 -5.60 2.70 6.10
C TRP A 90 -4.68 3.40 7.10
N GLY A 91 -3.69 4.14 6.60
CA GLY A 91 -2.83 4.92 7.45
C GLY A 91 -1.81 4.09 8.21
N HIS A 92 -1.34 3.02 7.59
CA HIS A 92 -0.35 2.15 8.20
C HIS A 92 1.05 2.65 7.90
N LEU A 93 1.50 3.61 8.71
CA LEU A 93 2.78 4.29 8.49
C LEU A 93 3.95 3.31 8.34
N GLU A 94 4.24 2.56 9.41
CA GLU A 94 5.39 1.66 9.42
C GLU A 94 5.43 0.75 8.19
N ILE A 95 4.27 0.24 7.80
CA ILE A 95 4.20 -0.66 6.66
C ILE A 95 4.52 0.06 5.36
N VAL A 96 4.09 1.31 5.25
CA VAL A 96 4.43 2.14 4.10
C VAL A 96 5.95 2.25 3.97
N GLU A 97 6.60 2.63 5.06
CA GLU A 97 8.04 2.84 5.04
C GLU A 97 8.76 1.58 4.62
N VAL A 98 8.26 0.43 5.04
CA VAL A 98 8.87 -0.85 4.69
C VAL A 98 8.66 -1.16 3.22
N LEU A 99 7.44 -0.98 2.74
CA LEU A 99 7.13 -1.23 1.34
C LEU A 99 7.97 -0.34 0.43
N LEU A 100 8.17 0.91 0.84
CA LEU A 100 8.99 1.84 0.08
C LEU A 100 10.45 1.39 0.09
N LYS A 101 10.91 0.90 1.24
CA LYS A 101 12.28 0.42 1.37
C LYS A 101 12.56 -0.75 0.41
N ASN A 102 11.55 -1.57 0.18
CA ASN A 102 11.69 -2.73 -0.69
C ASN A 102 11.41 -2.42 -2.16
N GLY A 103 11.42 -1.14 -2.50
CA GLY A 103 11.35 -0.72 -3.90
C GLY A 103 9.94 -0.69 -4.46
N ALA A 104 8.98 -0.23 -3.67
CA ALA A 104 7.62 -0.06 -4.15
C ALA A 104 7.51 1.22 -4.98
N ASP A 105 6.77 1.14 -6.08
CA ASP A 105 6.53 2.32 -6.92
C ASP A 105 5.70 3.32 -6.14
N VAL A 106 6.34 4.40 -5.71
CA VAL A 106 5.68 5.40 -4.88
C VAL A 106 4.55 6.11 -5.62
N ASN A 107 4.57 6.05 -6.94
CA ASN A 107 3.58 6.75 -7.76
C ASN A 107 2.72 5.80 -8.60
N ALA A 108 2.53 4.59 -8.10
CA ALA A 108 1.67 3.63 -8.79
C ALA A 108 0.25 4.16 -8.87
N MET A 109 -0.46 3.85 -9.95
CA MET A 109 -1.82 4.32 -10.15
C MET A 109 -2.81 3.17 -10.21
N ASP A 110 -3.94 3.32 -9.52
CA ASP A 110 -4.98 2.30 -9.54
C ASP A 110 -5.91 2.52 -10.73
N SER A 111 -7.05 1.85 -10.73
CA SER A 111 -8.00 1.93 -11.84
C SER A 111 -8.59 3.33 -12.00
N ASP A 112 -8.65 4.07 -10.90
CA ASP A 112 -9.18 5.44 -10.93
C ASP A 112 -8.08 6.48 -11.02
N GLY A 113 -6.84 6.01 -11.20
CA GLY A 113 -5.71 6.91 -11.34
C GLY A 113 -5.20 7.47 -10.02
N MET A 114 -5.68 6.89 -8.92
CA MET A 114 -5.25 7.31 -7.59
C MET A 114 -3.85 6.77 -7.28
N THR A 115 -3.00 7.64 -6.76
CA THR A 115 -1.68 7.22 -6.29
C THR A 115 -1.72 7.12 -4.77
N PRO A 116 -0.69 6.50 -4.18
CA PRO A 116 -0.64 6.44 -2.71
C PRO A 116 -0.74 7.83 -2.09
N LEU A 117 -0.16 8.83 -2.74
CA LEU A 117 -0.21 10.19 -2.22
C LEU A 117 -1.64 10.75 -2.24
N HIS A 118 -2.41 10.40 -3.26
CA HIS A 118 -3.81 10.79 -3.32
C HIS A 118 -4.55 10.24 -2.09
N LEU A 119 -4.36 8.96 -1.83
CA LEU A 119 -5.06 8.28 -0.74
C LEU A 119 -4.66 8.87 0.61
N ALA A 120 -3.36 9.05 0.82
CA ALA A 120 -2.86 9.55 2.09
C ALA A 120 -3.42 10.94 2.38
N ALA A 121 -3.34 11.81 1.38
CA ALA A 121 -3.82 13.18 1.52
C ALA A 121 -5.32 13.19 1.76
N LYS A 122 -6.03 12.28 1.11
CA LYS A 122 -7.48 12.24 1.19
C LYS A 122 -7.97 11.85 2.58
N TRP A 123 -7.29 10.90 3.21
CA TRP A 123 -7.74 10.37 4.50
C TRP A 123 -6.91 10.88 5.67
N GLY A 124 -6.29 12.05 5.49
CA GLY A 124 -5.70 12.80 6.58
C GLY A 124 -4.50 12.18 7.25
N TYR A 125 -3.68 11.46 6.49
CA TYR A 125 -2.49 10.82 7.05
C TYR A 125 -1.25 11.67 6.82
N LEU A 126 -1.09 12.71 7.64
CA LEU A 126 0.01 13.65 7.51
C LEU A 126 1.38 12.97 7.46
N GLU A 127 1.71 12.24 8.52
CA GLU A 127 3.02 11.62 8.62
C GLU A 127 3.34 10.77 7.40
N ILE A 128 2.31 10.13 6.85
CA ILE A 128 2.48 9.30 5.65
C ILE A 128 2.67 10.14 4.40
N VAL A 129 1.94 11.24 4.31
CA VAL A 129 2.12 12.18 3.20
C VAL A 129 3.58 12.59 3.13
N GLU A 130 4.17 12.88 4.29
CA GLU A 130 5.56 13.30 4.36
C GLU A 130 6.49 12.20 3.83
N VAL A 131 6.32 10.99 4.32
CA VAL A 131 7.16 9.88 3.91
C VAL A 131 7.11 9.68 2.39
N LEU A 132 5.91 9.76 1.83
CA LEU A 132 5.74 9.58 0.39
C LEU A 132 6.49 10.67 -0.37
N LEU A 133 6.44 11.89 0.15
CA LEU A 133 7.14 13.01 -0.48
C LEU A 133 8.65 12.80 -0.46
N LYS A 134 9.16 12.22 0.62
CA LYS A 134 10.59 11.95 0.74
C LYS A 134 11.03 11.02 -0.38
N HIS A 135 10.18 10.05 -0.71
CA HIS A 135 10.52 9.03 -1.71
C HIS A 135 10.08 9.41 -3.12
N GLY A 136 9.73 10.68 -3.32
CA GLY A 136 9.50 11.20 -4.65
C GLY A 136 8.05 11.13 -5.11
N ALA A 137 7.11 11.24 -4.19
CA ALA A 137 5.69 11.25 -4.53
C ALA A 137 5.39 12.48 -5.39
N ASP A 138 4.68 12.27 -6.49
CA ASP A 138 4.39 13.35 -7.45
C ASP A 138 3.16 14.16 -7.04
N VAL A 139 3.38 15.38 -6.60
CA VAL A 139 2.30 16.25 -6.14
C VAL A 139 1.39 16.70 -7.29
N ASN A 140 1.87 16.56 -8.52
CA ASN A 140 1.14 17.04 -9.69
C ASN A 140 0.34 15.94 -10.38
N ALA A 141 0.35 14.73 -9.81
CA ALA A 141 -0.40 13.62 -10.39
C ALA A 141 -1.89 13.88 -10.28
N GLN A 142 -2.64 13.50 -11.31
CA GLN A 142 -4.08 13.71 -11.33
C GLN A 142 -4.82 12.39 -11.57
N ASP A 143 -5.87 12.17 -10.80
CA ASP A 143 -6.72 11.00 -11.02
C ASP A 143 -7.63 11.26 -12.22
N LYS A 144 -8.56 10.34 -12.48
CA LYS A 144 -9.44 10.45 -13.64
C LYS A 144 -10.40 11.64 -13.56
N PHE A 145 -10.42 12.31 -12.41
CA PHE A 145 -11.26 13.49 -12.22
C PHE A 145 -10.44 14.78 -12.29
N GLY A 146 -9.15 14.66 -12.59
CA GLY A 146 -8.27 15.82 -12.65
C GLY A 146 -7.90 16.32 -11.26
N LYS A 147 -8.19 15.52 -10.24
CA LYS A 147 -7.89 15.88 -8.86
C LYS A 147 -6.46 15.53 -8.51
N THR A 148 -5.78 16.46 -7.85
CA THR A 148 -4.44 16.22 -7.34
C THR A 148 -4.53 15.92 -5.85
N PRO A 149 -3.45 15.37 -5.27
CA PRO A 149 -3.46 15.12 -3.83
C PRO A 149 -3.85 16.37 -3.05
N PHE A 150 -3.45 17.53 -3.56
CA PHE A 150 -3.81 18.80 -2.94
C PHE A 150 -5.33 18.98 -2.98
N ASP A 151 -5.91 18.87 -4.17
CA ASP A 151 -7.35 19.03 -4.33
C ASP A 151 -8.12 18.14 -3.37
N LEU A 152 -7.67 16.89 -3.23
CA LEU A 152 -8.35 15.93 -2.38
C LEU A 152 -8.18 16.29 -0.91
N ALA A 153 -7.02 16.82 -0.56
CA ALA A 153 -6.78 17.26 0.81
C ALA A 153 -7.79 18.35 1.17
N ILE A 154 -7.88 19.37 0.33
CA ILE A 154 -8.81 20.48 0.52
C ILE A 154 -10.26 19.99 0.58
N ASP A 155 -10.63 19.13 -0.37
CA ASP A 155 -12.01 18.64 -0.46
C ASP A 155 -12.41 17.86 0.79
N ASN A 156 -11.44 17.25 1.46
CA ASN A 156 -11.70 16.46 2.65
C ASN A 156 -11.33 17.17 3.95
N GLY A 157 -11.18 18.48 3.87
CA GLY A 157 -10.95 19.31 5.04
C GLY A 157 -9.68 19.00 5.82
N ASN A 158 -8.64 18.57 5.11
CA ASN A 158 -7.34 18.31 5.74
C ASN A 158 -6.36 19.43 5.40
N GLU A 159 -6.51 20.56 6.08
CA GLU A 159 -5.80 21.79 5.73
C GLU A 159 -4.29 21.68 5.94
N ASP A 160 -3.88 21.13 7.08
CA ASP A 160 -2.46 21.01 7.38
C ASP A 160 -1.73 20.27 6.28
N ILE A 161 -2.31 19.16 5.83
CA ILE A 161 -1.74 18.39 4.74
C ILE A 161 -1.73 19.19 3.45
N ALA A 162 -2.84 19.86 3.17
CA ALA A 162 -2.94 20.69 1.98
C ALA A 162 -1.79 21.69 1.94
N GLU A 163 -1.54 22.34 3.07
CA GLU A 163 -0.50 23.35 3.17
C GLU A 163 0.87 22.76 2.89
N VAL A 164 1.11 21.56 3.41
CA VAL A 164 2.37 20.85 3.16
C VAL A 164 2.55 20.61 1.67
N LEU A 165 1.53 20.04 1.04
CA LEU A 165 1.58 19.74 -0.40
C LEU A 165 1.84 21.00 -1.21
N GLN A 166 1.14 22.07 -0.88
CA GLN A 166 1.31 23.35 -1.56
C GLN A 166 2.75 23.83 -1.48
N LYS A 167 3.37 23.66 -0.31
CA LYS A 167 4.74 24.13 -0.09
C LYS A 167 5.77 23.24 -0.77
N ALA A 168 5.40 21.99 -1.04
CA ALA A 168 6.32 21.05 -1.69
C ALA A 168 6.36 21.26 -3.21
N ALA A 169 5.28 21.82 -3.75
CA ALA A 169 5.18 22.04 -5.19
C ALA A 169 6.05 23.21 -5.65
N LYS A 170 6.46 24.05 -4.71
CA LYS A 170 7.29 25.22 -5.02
C LYS A 170 8.76 24.90 -4.80
HG HG B . 5.23 -15.04 6.41
#